data_4I33
#
_entry.id   4I33
#
_cell.length_a   93.527
_cell.length_b   93.527
_cell.length_c   81.449
_cell.angle_alpha   90.00
_cell.angle_beta   90.00
_cell.angle_gamma   120.00
#
_symmetry.space_group_name_H-M   'P 61'
#
loop_
_entity.id
_entity.type
_entity.pdbx_description
1 polymer 'Genome polyprotein'
2 polymer 'HCV non-structural protein 4A'
3 non-polymer 'SODIUM ION'
4 non-polymer (2R,6S,7E,10E,13aR,14aR,16aS)-2-{[7-methoxy-8-methyl-2-(propan-2-yloxy)quinolin-4-yl]oxy}-N-[(1-methylcyclopropyl)sulfonyl]-6-{[(1-methyl-1H-pyrazol-3-yl)carbonyl]amino}-5,16-dioxo-1,2,3,6,9,12,13,13a,14,15,16,16a-dodecahydrocyclopropa[e]pyrrolo[1,2-a][1,4]diazacyclopentadecine-14a(5H)-carboxamide
5 water water
#
loop_
_entity_poly.entity_id
_entity_poly.type
_entity_poly.pdbx_seq_one_letter_code
_entity_poly.pdbx_strand_id
1 'polypeptide(L)'
;MAPITAYSQQTRGLLGCIITSLTGRDKNQVDGEVQVLSTATQSFLATCVNGVCWTVYHGAGSKTLAGPKGPITQMYTNVD
QDLVGWPAPPGARSMTPCTCGSSDLYLVTRHADVIPVRRRGDSRGSLLSPRPVSYLKGSSGGPLLCPSGHVVGIFKAAVC
TRGVAKAVDFIPVESMETTMRASKKKK
;
A,B
2 'polypeptide(L)' KKGSVVIVGRIILSGRK C,D
#
# COMPACT_ATOMS: atom_id res chain seq x y z
N ALA A 2 3.95 9.54 1.86
CA ALA A 2 3.40 8.34 1.24
C ALA A 2 3.30 7.21 2.26
N PRO A 3 2.36 6.28 2.05
CA PRO A 3 1.29 6.22 1.05
C PRO A 3 0.20 7.19 1.45
N ILE A 4 -0.98 7.05 0.85
CA ILE A 4 -2.15 7.79 1.30
C ILE A 4 -2.39 7.62 2.81
N THR A 5 -2.52 8.76 3.50
CA THR A 5 -2.78 8.76 4.93
C THR A 5 -3.97 9.69 5.22
N ALA A 6 -4.48 9.63 6.44
CA ALA A 6 -5.68 10.39 6.78
C ALA A 6 -5.63 10.71 8.25
N TYR A 7 -6.26 11.79 8.65
CA TYR A 7 -6.56 11.98 10.06
C TYR A 7 -7.92 12.62 10.21
N SER A 8 -8.49 12.49 11.40
CA SER A 8 -9.82 13.04 11.69
C SER A 8 -9.72 14.22 12.65
N GLN A 9 -10.67 15.14 12.57
CA GLN A 9 -10.82 16.22 13.53
C GLN A 9 -12.29 16.32 13.89
N GLN A 10 -12.61 16.21 15.18
CA GLN A 10 -13.99 16.36 15.62
C GLN A 10 -14.37 17.84 15.65
N THR A 11 -15.56 18.18 15.15
CA THR A 11 -16.02 19.58 15.16
C THR A 11 -17.20 19.93 16.09
N ARG A 12 -17.87 18.92 16.63
CA ARG A 12 -19.10 19.15 17.40
C ARG A 12 -19.23 18.10 18.47
N GLY A 13 -19.91 18.45 19.55
CA GLY A 13 -20.14 17.53 20.63
C GLY A 13 -21.56 17.04 20.60
N LEU A 14 -21.94 16.27 21.62
CA LEU A 14 -23.28 15.73 21.70
C LEU A 14 -24.33 16.84 21.65
N LEU A 15 -24.22 17.81 22.55
CA LEU A 15 -25.23 18.86 22.67
C LEU A 15 -25.40 19.66 21.38
N GLY A 16 -24.28 20.10 20.81
CA GLY A 16 -24.32 20.94 19.62
C GLY A 16 -24.94 20.20 18.43
N CYS A 17 -24.63 18.91 18.35
CA CYS A 17 -25.16 18.08 17.28
C CYS A 17 -26.69 18.01 17.37
N ILE A 18 -27.19 17.82 18.58
CA ILE A 18 -28.63 17.72 18.80
C ILE A 18 -29.35 19.00 18.41
N ILE A 19 -28.80 20.13 18.86
CA ILE A 19 -29.35 21.44 18.56
C ILE A 19 -29.29 21.77 17.06
N THR A 20 -28.16 21.46 16.42
CA THR A 20 -28.00 21.74 15.01
C THR A 20 -28.98 20.87 14.21
N SER A 21 -29.25 19.68 14.74
CA SER A 21 -30.19 18.77 14.12
C SER A 21 -31.57 19.43 14.04
N LEU A 22 -31.98 20.08 15.13
CA LEU A 22 -33.28 20.71 15.22
C LEU A 22 -33.38 22.04 14.46
N THR A 23 -32.30 22.81 14.44
CA THR A 23 -32.32 24.10 13.77
C THR A 23 -32.08 24.03 12.27
N GLY A 24 -31.32 23.02 11.85
CA GLY A 24 -30.93 22.90 10.45
C GLY A 24 -29.85 23.89 10.05
N ARG A 25 -29.37 24.64 11.03
CA ARG A 25 -28.36 25.69 10.81
C ARG A 25 -26.99 25.29 11.36
N ASP A 26 -26.01 25.17 10.47
CA ASP A 26 -24.64 24.88 10.86
C ASP A 26 -23.74 25.99 10.39
N LYS A 27 -23.22 26.79 11.33
CA LYS A 27 -22.37 27.93 10.99
C LYS A 27 -20.89 27.57 11.05
N ASN A 28 -20.60 26.32 11.42
CA ASN A 28 -19.23 25.82 11.48
C ASN A 28 -18.50 25.84 10.15
N GLN A 29 -17.20 26.11 10.20
CA GLN A 29 -16.36 26.02 9.01
C GLN A 29 -16.29 24.57 8.60
N VAL A 30 -16.42 24.30 7.30
CA VAL A 30 -16.32 22.93 6.77
C VAL A 30 -14.98 22.76 6.07
N ASP A 31 -14.31 21.64 6.30
CA ASP A 31 -13.05 21.33 5.61
C ASP A 31 -12.94 19.82 5.42
N GLY A 32 -12.03 19.40 4.55
CA GLY A 32 -11.74 17.99 4.38
C GLY A 32 -12.54 17.35 3.27
N GLU A 33 -12.05 16.22 2.77
CA GLU A 33 -12.70 15.47 1.69
C GLU A 33 -13.86 14.62 2.20
N VAL A 34 -13.74 14.17 3.45
CA VAL A 34 -14.73 13.30 4.05
C VAL A 34 -15.37 13.92 5.27
N GLN A 35 -16.69 13.97 5.30
CA GLN A 35 -17.41 14.50 6.46
C GLN A 35 -17.91 13.39 7.35
N VAL A 36 -17.77 13.57 8.65
CA VAL A 36 -18.36 12.63 9.58
C VAL A 36 -19.74 13.19 9.93
N LEU A 37 -20.77 12.38 9.68
CA LEU A 37 -22.16 12.83 9.81
C LEU A 37 -22.84 12.14 10.96
N SER A 38 -23.84 12.79 11.53
CA SER A 38 -24.59 12.14 12.57
C SER A 38 -26.04 12.55 12.49
N THR A 39 -26.92 11.62 12.83
CA THR A 39 -28.33 11.95 12.98
C THR A 39 -28.60 11.78 14.47
N ALA A 40 -29.85 11.90 14.88
CA ALA A 40 -30.19 11.59 16.26
C ALA A 40 -29.61 10.24 16.70
N THR A 41 -29.84 9.23 15.88
CA THR A 41 -29.52 7.85 16.24
C THR A 41 -28.30 7.15 15.63
N GLN A 42 -27.66 7.75 14.62
CA GLN A 42 -26.62 7.04 13.85
C GLN A 42 -25.50 7.95 13.41
N SER A 43 -24.31 7.40 13.23
CA SER A 43 -23.20 8.15 12.65
C SER A 43 -22.57 7.37 11.49
N PHE A 44 -22.07 8.10 10.51
CA PHE A 44 -21.61 7.52 9.28
C PHE A 44 -20.82 8.58 8.52
N LEU A 45 -20.46 8.31 7.28
CA LEU A 45 -19.56 9.18 6.55
C LEU A 45 -20.18 9.72 5.27
N ALA A 46 -19.60 10.79 4.76
CA ALA A 46 -19.97 11.29 3.45
C ALA A 46 -18.70 11.67 2.70
N THR A 47 -18.74 11.48 1.39
CA THR A 47 -17.58 11.84 0.58
C THR A 47 -18.00 12.87 -0.43
N CYS A 48 -17.22 13.93 -0.57
CA CYS A 48 -17.52 14.97 -1.53
C CYS A 48 -16.81 14.73 -2.85
N VAL A 49 -17.60 14.64 -3.91
CA VAL A 49 -17.09 14.34 -5.24
C VAL A 49 -17.79 15.26 -6.21
N ASN A 50 -17.01 15.98 -7.01
CA ASN A 50 -17.54 16.92 -7.98
C ASN A 50 -18.65 17.81 -7.42
N GLY A 51 -18.39 18.38 -6.24
CA GLY A 51 -19.26 19.39 -5.65
C GLY A 51 -20.51 18.88 -4.97
N VAL A 52 -20.61 17.56 -4.82
CA VAL A 52 -21.74 16.95 -4.10
C VAL A 52 -21.22 16.13 -2.93
N CYS A 53 -21.87 16.23 -1.78
CA CYS A 53 -21.53 15.36 -0.66
C CYS A 53 -22.42 14.14 -0.68
N TRP A 54 -21.80 13.00 -0.95
CA TRP A 54 -22.50 11.75 -1.17
C TRP A 54 -22.46 10.89 0.05
N THR A 55 -23.56 10.19 0.32
CA THR A 55 -23.59 9.25 1.41
C THR A 55 -24.62 8.16 1.15
N VAL A 56 -24.83 7.32 2.16
CA VAL A 56 -25.79 6.22 2.02
C VAL A 56 -27.20 6.60 2.49
N TYR A 57 -28.20 6.11 1.76
CA TYR A 57 -29.59 6.33 2.16
C TYR A 57 -29.86 5.67 3.50
N HIS A 58 -29.22 4.53 3.78
CA HIS A 58 -29.49 3.83 5.02
C HIS A 58 -28.97 4.57 6.26
N GLY A 59 -28.04 5.49 6.06
CA GLY A 59 -27.72 6.47 7.08
C GLY A 59 -28.60 7.73 7.10
N ALA A 60 -28.67 8.39 5.96
CA ALA A 60 -29.28 9.72 5.87
C ALA A 60 -30.78 9.74 5.67
N GLY A 61 -31.33 8.64 5.15
CA GLY A 61 -32.72 8.63 4.70
C GLY A 61 -32.97 9.78 3.74
N SER A 62 -34.12 10.43 3.91
CA SER A 62 -34.52 11.60 3.13
C SER A 62 -34.10 12.95 3.72
N LYS A 63 -33.29 12.92 4.77
CA LYS A 63 -33.03 14.11 5.58
C LYS A 63 -32.27 15.23 4.87
N THR A 64 -32.53 16.46 5.32
CA THR A 64 -31.72 17.60 4.92
C THR A 64 -30.38 17.52 5.64
N LEU A 65 -29.42 18.28 5.12
CA LEU A 65 -28.13 18.46 5.78
C LEU A 65 -28.05 19.87 6.38
N ALA A 66 -27.70 19.98 7.66
CA ALA A 66 -27.57 21.30 8.28
C ALA A 66 -26.48 22.10 7.59
N GLY A 67 -26.75 23.38 7.29
CA GLY A 67 -25.85 24.21 6.50
C GLY A 67 -25.88 25.66 6.93
N PRO A 68 -24.97 26.48 6.38
CA PRO A 68 -24.77 27.88 6.80
C PRO A 68 -25.99 28.77 6.53
N LYS A 69 -26.74 28.43 5.48
CA LYS A 69 -27.98 29.13 5.16
C LYS A 69 -29.27 28.43 5.62
N GLY A 70 -29.11 27.41 6.45
CA GLY A 70 -30.21 26.55 6.86
C GLY A 70 -30.08 25.18 6.23
N PRO A 71 -31.09 24.32 6.41
CA PRO A 71 -31.12 22.92 5.92
C PRO A 71 -31.01 22.83 4.41
N ILE A 72 -30.15 21.92 3.93
CA ILE A 72 -29.92 21.71 2.50
C ILE A 72 -30.70 20.50 2.04
N THR A 73 -31.46 20.67 0.97
CA THR A 73 -32.29 19.59 0.46
C THR A 73 -31.41 18.66 -0.36
N GLN A 74 -31.68 17.37 -0.28
CA GLN A 74 -30.96 16.42 -1.11
C GLN A 74 -31.15 16.80 -2.57
N MET A 75 -30.08 16.83 -3.33
CA MET A 75 -30.22 17.04 -4.77
C MET A 75 -30.34 15.74 -5.54
N TYR A 76 -29.96 14.63 -4.89
CA TYR A 76 -30.07 13.32 -5.51
C TYR A 76 -30.49 12.29 -4.47
N THR A 77 -31.51 11.49 -4.77
CA THR A 77 -31.97 10.51 -3.82
C THR A 77 -32.28 9.25 -4.59
N ASN A 78 -31.52 8.19 -4.34
CA ASN A 78 -31.84 6.93 -4.98
C ASN A 78 -31.87 5.83 -3.94
N VAL A 79 -33.08 5.45 -3.56
CA VAL A 79 -33.25 4.54 -2.43
C VAL A 79 -32.70 3.14 -2.72
N ASP A 80 -33.02 2.59 -3.88
CA ASP A 80 -32.65 1.20 -4.15
C ASP A 80 -31.15 1.04 -4.31
N GLN A 81 -30.51 2.12 -4.73
CA GLN A 81 -29.07 2.12 -4.92
C GLN A 81 -28.36 2.55 -3.61
N ASP A 82 -29.14 2.91 -2.60
CA ASP A 82 -28.65 3.31 -1.27
C ASP A 82 -27.78 4.58 -1.34
N LEU A 83 -28.16 5.51 -2.21
CA LEU A 83 -27.32 6.67 -2.47
C LEU A 83 -28.07 7.99 -2.34
N VAL A 84 -27.54 8.91 -1.55
CA VAL A 84 -28.07 10.27 -1.56
C VAL A 84 -26.95 11.28 -1.70
N GLY A 85 -27.32 12.48 -2.14
CA GLY A 85 -26.35 13.53 -2.20
C GLY A 85 -26.95 14.90 -1.98
N TRP A 86 -26.13 15.78 -1.41
CA TRP A 86 -26.48 17.18 -1.18
C TRP A 86 -25.42 18.01 -1.88
N PRO A 87 -25.79 19.21 -2.35
CA PRO A 87 -24.73 20.10 -2.84
C PRO A 87 -23.75 20.31 -1.70
N ALA A 88 -22.46 20.14 -1.97
CA ALA A 88 -21.46 20.21 -0.92
C ALA A 88 -21.46 21.61 -0.29
N PRO A 89 -21.48 21.68 1.05
CA PRO A 89 -21.36 23.02 1.63
C PRO A 89 -20.05 23.67 1.21
N PRO A 90 -19.99 25.02 1.27
CA PRO A 90 -18.71 25.65 1.00
C PRO A 90 -17.68 25.16 2.00
N GLY A 91 -16.48 24.87 1.50
CA GLY A 91 -15.34 24.53 2.33
C GLY A 91 -14.92 23.08 2.28
N ALA A 92 -15.82 22.18 1.88
CA ALA A 92 -15.48 20.77 1.71
C ALA A 92 -14.55 20.57 0.53
N ARG A 93 -13.53 19.74 0.69
CA ARG A 93 -12.55 19.52 -0.38
C ARG A 93 -13.10 18.47 -1.34
N SER A 94 -13.33 18.86 -2.58
CA SER A 94 -14.00 17.98 -3.54
C SER A 94 -13.03 17.01 -4.22
N MET A 95 -13.35 15.72 -4.16
CA MET A 95 -12.48 14.69 -4.73
C MET A 95 -12.68 14.49 -6.24
N THR A 96 -11.64 13.98 -6.90
CA THR A 96 -11.72 13.61 -8.31
C THR A 96 -11.99 12.11 -8.47
N PRO A 97 -12.96 11.76 -9.32
CA PRO A 97 -13.26 10.36 -9.65
C PRO A 97 -12.05 9.66 -10.24
N CYS A 98 -11.90 8.37 -9.97
CA CYS A 98 -10.75 7.65 -10.51
C CYS A 98 -10.96 7.27 -11.98
N THR A 99 -9.94 7.51 -12.79
CA THR A 99 -9.99 7.23 -14.23
C THR A 99 -9.23 5.95 -14.57
N CYS A 100 -7.94 5.95 -14.25
CA CYS A 100 -7.00 4.94 -14.72
C CYS A 100 -7.53 3.52 -14.64
N GLY A 101 -8.30 3.20 -13.60
CA GLY A 101 -8.89 1.88 -13.50
C GLY A 101 -8.02 0.86 -12.77
N SER A 102 -7.22 1.32 -11.83
CA SER A 102 -6.48 0.43 -10.95
C SER A 102 -7.45 -0.43 -10.14
N SER A 103 -7.08 -1.68 -9.89
CA SER A 103 -7.85 -2.56 -9.01
C SER A 103 -7.26 -2.59 -7.59
N ASP A 104 -6.21 -1.82 -7.38
CA ASP A 104 -5.60 -1.73 -6.06
C ASP A 104 -6.20 -0.53 -5.36
N LEU A 105 -7.06 -0.79 -4.37
CA LEU A 105 -7.82 0.26 -3.75
C LEU A 105 -7.50 0.41 -2.27
N TYR A 106 -8.11 1.42 -1.65
CA TYR A 106 -8.03 1.64 -0.22
C TYR A 106 -9.42 2.03 0.24
N LEU A 107 -9.77 1.63 1.45
CA LEU A 107 -10.99 2.09 2.08
C LEU A 107 -10.56 2.99 3.22
N VAL A 108 -11.12 4.19 3.29
CA VAL A 108 -10.86 5.09 4.41
C VAL A 108 -12.00 5.01 5.41
N THR A 109 -11.70 4.63 6.65
CA THR A 109 -12.74 4.42 7.66
C THR A 109 -12.94 5.67 8.54
N ARG A 110 -13.97 5.68 9.40
CA ARG A 110 -14.29 6.86 10.20
C ARG A 110 -13.21 7.09 11.25
N HIS A 111 -12.37 6.07 11.41
CA HIS A 111 -11.26 6.08 12.34
C HIS A 111 -10.04 6.65 11.64
N ALA A 112 -10.24 7.04 10.38
CA ALA A 112 -9.20 7.62 9.54
C ALA A 112 -8.07 6.65 9.24
N ASP A 113 -8.37 5.35 9.27
CA ASP A 113 -7.42 4.37 8.76
C ASP A 113 -7.60 4.21 7.25
N VAL A 114 -6.50 3.97 6.56
CA VAL A 114 -6.55 3.79 5.12
C VAL A 114 -6.16 2.33 4.85
N ILE A 115 -7.15 1.49 4.54
CA ILE A 115 -6.95 0.03 4.47
C ILE A 115 -7.00 -0.56 3.05
N PRO A 116 -6.00 -1.38 2.72
CA PRO A 116 -5.89 -1.97 1.37
C PRO A 116 -7.10 -2.83 1.01
N VAL A 117 -7.61 -2.59 -0.19
CA VAL A 117 -8.71 -3.37 -0.73
C VAL A 117 -8.36 -3.77 -2.17
N ARG A 118 -8.65 -5.01 -2.53
CA ARG A 118 -8.51 -5.45 -3.92
C ARG A 118 -9.87 -5.43 -4.62
N ARG A 119 -10.03 -4.62 -5.66
CA ARG A 119 -11.28 -4.56 -6.39
C ARG A 119 -11.53 -5.89 -7.08
N ARG A 120 -12.68 -6.50 -6.80
CA ARG A 120 -13.04 -7.78 -7.40
C ARG A 120 -14.07 -7.71 -8.52
N GLY A 121 -14.62 -6.53 -8.75
CA GLY A 121 -15.68 -6.34 -9.73
C GLY A 121 -16.07 -4.87 -9.71
N ASP A 122 -17.19 -4.53 -10.33
CA ASP A 122 -17.57 -3.13 -10.40
C ASP A 122 -17.89 -2.55 -9.02
N SER A 123 -18.74 -3.24 -8.28
CA SER A 123 -19.17 -2.79 -6.95
C SER A 123 -18.57 -3.52 -5.74
N ARG A 124 -17.61 -4.41 -5.95
CA ARG A 124 -17.07 -5.23 -4.85
C ARG A 124 -15.54 -5.16 -4.69
N GLY A 125 -15.06 -5.27 -3.46
CA GLY A 125 -13.63 -5.39 -3.22
C GLY A 125 -13.35 -6.21 -1.98
N SER A 126 -12.18 -6.85 -1.94
CA SER A 126 -11.88 -7.73 -0.83
C SER A 126 -10.93 -7.02 0.11
N LEU A 127 -11.18 -7.12 1.40
CA LEU A 127 -10.28 -6.58 2.39
C LEU A 127 -9.09 -7.53 2.42
N LEU A 128 -7.90 -7.02 2.15
CA LEU A 128 -6.73 -7.87 2.06
C LEU A 128 -6.38 -8.46 3.42
N SER A 129 -6.66 -7.71 4.47
CA SER A 129 -6.69 -8.25 5.83
C SER A 129 -8.12 -8.16 6.37
N PRO A 130 -8.70 -9.29 6.74
CA PRO A 130 -10.06 -9.24 7.29
C PRO A 130 -10.12 -8.38 8.56
N ARG A 131 -11.23 -7.68 8.72
CA ARG A 131 -11.47 -6.82 9.88
C ARG A 131 -12.73 -7.24 10.63
N PRO A 132 -12.76 -6.98 11.94
CA PRO A 132 -14.00 -7.20 12.70
C PRO A 132 -15.07 -6.24 12.18
N VAL A 133 -16.32 -6.70 12.10
CA VAL A 133 -17.41 -5.83 11.68
C VAL A 133 -17.56 -4.60 12.57
N SER A 134 -17.20 -4.71 13.84
CA SER A 134 -17.32 -3.57 14.76
C SER A 134 -16.38 -2.45 14.32
N TYR A 135 -15.27 -2.82 13.71
CA TYR A 135 -14.32 -1.84 13.23
C TYR A 135 -14.86 -1.04 12.04
N LEU A 136 -15.54 -1.72 11.12
CA LEU A 136 -16.09 -1.05 9.94
C LEU A 136 -17.41 -0.28 10.18
N LYS A 137 -18.13 -0.65 11.22
CA LYS A 137 -19.42 -0.01 11.52
C LYS A 137 -19.28 1.52 11.64
N GLY A 138 -20.21 2.24 11.02
CA GLY A 138 -20.17 3.70 11.01
C GLY A 138 -19.27 4.28 9.93
N SER A 139 -18.76 3.41 9.06
CA SER A 139 -17.93 3.87 7.93
C SER A 139 -18.63 3.95 6.57
N SER A 140 -19.91 3.58 6.52
CA SER A 140 -20.63 3.70 5.26
C SER A 140 -20.57 5.14 4.78
N GLY A 141 -20.51 5.32 3.47
CA GLY A 141 -20.32 6.63 2.89
C GLY A 141 -18.85 7.05 2.76
N GLY A 142 -17.96 6.32 3.42
CA GLY A 142 -16.53 6.55 3.29
C GLY A 142 -15.98 6.15 1.92
N PRO A 143 -14.94 6.87 1.45
CA PRO A 143 -14.46 6.69 0.08
C PRO A 143 -13.61 5.44 -0.12
N LEU A 144 -13.72 4.84 -1.28
CA LEU A 144 -12.74 3.88 -1.74
C LEU A 144 -11.87 4.64 -2.74
N LEU A 145 -10.57 4.55 -2.57
CA LEU A 145 -9.64 5.37 -3.36
C LEU A 145 -8.74 4.52 -4.24
N CYS A 146 -8.39 5.05 -5.41
CA CYS A 146 -7.31 4.53 -6.24
C CYS A 146 -5.97 4.91 -5.63
N PRO A 147 -4.86 4.30 -6.08
CA PRO A 147 -3.55 4.60 -5.51
C PRO A 147 -3.19 6.09 -5.56
N SER A 148 -3.69 6.79 -6.58
CA SER A 148 -3.43 8.21 -6.74
C SER A 148 -4.16 9.05 -5.70
N GLY A 149 -5.17 8.46 -5.07
CA GLY A 149 -5.98 9.19 -4.10
C GLY A 149 -7.31 9.67 -4.68
N HIS A 150 -7.57 9.31 -5.94
CA HIS A 150 -8.86 9.62 -6.56
C HIS A 150 -9.92 8.60 -6.11
N VAL A 151 -11.18 9.00 -6.17
CA VAL A 151 -12.24 8.17 -5.58
C VAL A 151 -12.89 7.20 -6.58
N VAL A 152 -12.99 5.93 -6.21
CA VAL A 152 -13.73 4.97 -7.07
C VAL A 152 -15.19 4.77 -6.68
N GLY A 153 -15.55 5.18 -5.48
CA GLY A 153 -16.90 4.93 -5.00
C GLY A 153 -16.96 5.14 -3.50
N ILE A 154 -18.12 4.80 -2.90
CA ILE A 154 -18.30 4.92 -1.46
C ILE A 154 -18.74 3.60 -0.83
N PHE A 155 -18.29 3.38 0.41
CA PHE A 155 -18.55 2.16 1.18
C PHE A 155 -20.06 2.04 1.41
N LYS A 156 -20.63 0.90 1.02
CA LYS A 156 -22.08 0.69 1.18
C LYS A 156 -22.36 -0.37 2.25
N ALA A 157 -21.79 -1.56 2.05
CA ALA A 157 -22.06 -2.68 2.95
C ALA A 157 -20.89 -3.66 3.08
N ALA A 158 -20.87 -4.39 4.18
CA ALA A 158 -19.81 -5.33 4.48
C ALA A 158 -20.31 -6.75 4.32
N VAL A 159 -19.49 -7.61 3.73
CA VAL A 159 -19.77 -9.02 3.63
C VAL A 159 -19.10 -9.66 4.83
N CYS A 160 -19.88 -10.17 5.75
CA CYS A 160 -19.30 -10.66 6.98
C CYS A 160 -19.89 -11.99 7.44
N THR A 161 -19.08 -12.72 8.18
CA THR A 161 -19.49 -13.97 8.79
C THR A 161 -18.85 -14.05 10.16
N ARG A 162 -19.63 -14.48 11.15
CA ARG A 162 -19.08 -14.66 12.49
C ARG A 162 -18.37 -13.41 12.99
N GLY A 163 -18.87 -12.24 12.58
CA GLY A 163 -18.37 -10.97 13.07
C GLY A 163 -17.13 -10.45 12.37
N VAL A 164 -16.70 -11.15 11.33
CA VAL A 164 -15.54 -10.74 10.55
C VAL A 164 -15.93 -10.43 9.10
N ALA A 165 -15.45 -9.30 8.60
CA ALA A 165 -15.72 -8.88 7.22
C ALA A 165 -14.53 -9.17 6.30
N LYS A 166 -14.77 -9.97 5.26
CA LYS A 166 -13.73 -10.31 4.29
C LYS A 166 -13.74 -9.41 3.05
N ALA A 167 -14.83 -8.69 2.85
CA ALA A 167 -15.02 -7.91 1.63
C ALA A 167 -16.05 -6.79 1.82
N VAL A 168 -16.04 -5.84 0.89
CA VAL A 168 -16.96 -4.71 0.97
C VAL A 168 -17.67 -4.49 -0.35
N ASP A 169 -18.95 -4.11 -0.28
CA ASP A 169 -19.68 -3.61 -1.45
C ASP A 169 -19.68 -2.09 -1.44
N PHE A 170 -19.51 -1.49 -2.61
CA PHE A 170 -19.50 -0.04 -2.67
C PHE A 170 -20.33 0.47 -3.83
N ILE A 171 -20.63 1.77 -3.80
CA ILE A 171 -21.34 2.45 -4.87
C ILE A 171 -20.32 3.18 -5.73
N PRO A 172 -20.15 2.73 -6.99
CA PRO A 172 -19.12 3.25 -7.91
C PRO A 172 -19.42 4.68 -8.33
N VAL A 173 -18.39 5.48 -8.62
CA VAL A 173 -18.64 6.84 -9.08
C VAL A 173 -19.54 6.83 -10.32
N GLU A 174 -19.48 5.73 -11.07
CA GLU A 174 -20.34 5.52 -12.24
C GLU A 174 -21.82 5.64 -11.87
N SER A 175 -22.20 5.00 -10.78
CA SER A 175 -23.56 5.07 -10.26
C SER A 175 -23.96 6.48 -9.84
N MET A 176 -22.99 7.32 -9.52
CA MET A 176 -23.29 8.70 -9.17
C MET A 176 -23.71 9.48 -10.40
N GLU A 177 -22.97 9.29 -11.50
CA GLU A 177 -23.25 10.00 -12.74
C GLU A 177 -24.59 9.57 -13.36
N THR A 178 -24.84 8.27 -13.39
CA THR A 178 -26.15 7.77 -13.82
C THR A 178 -27.27 8.42 -12.99
N THR A 179 -27.11 8.40 -11.67
CA THR A 179 -28.08 9.06 -10.77
C THR A 179 -28.25 10.54 -11.11
N MET A 180 -27.15 11.21 -11.46
CA MET A 180 -27.20 12.62 -11.83
C MET A 180 -27.82 12.79 -13.22
N ARG A 181 -27.46 11.91 -14.14
CA ARG A 181 -28.00 11.92 -15.50
C ARG A 181 -29.51 11.70 -15.50
N ALA A 182 -29.96 10.76 -14.67
CA ALA A 182 -31.38 10.41 -14.59
C ALA A 182 -32.22 11.58 -14.07
N SER A 183 -31.84 12.11 -12.91
CA SER A 183 -32.52 13.28 -12.37
C SER A 183 -32.06 14.54 -13.09
N ALA B 2 9.37 7.14 5.18
CA ALA B 2 8.54 6.42 6.14
C ALA B 2 7.67 5.39 5.42
N PRO B 3 7.29 4.32 6.14
CA PRO B 3 7.83 3.99 7.46
C PRO B 3 9.27 3.51 7.32
N ILE B 4 9.65 3.14 6.11
CA ILE B 4 10.99 2.61 5.86
C ILE B 4 11.85 3.55 5.03
N THR B 5 13.07 3.78 5.50
CA THR B 5 14.05 4.58 4.78
C THR B 5 15.33 3.76 4.54
N ALA B 6 16.11 4.17 3.54
CA ALA B 6 17.36 3.46 3.25
C ALA B 6 18.41 4.44 2.74
N TYR B 7 19.68 4.09 2.89
CA TYR B 7 20.73 4.80 2.21
C TYR B 7 21.81 3.80 1.85
N SER B 8 22.64 4.16 0.90
CA SER B 8 23.67 3.24 0.42
C SER B 8 25.05 3.79 0.76
N GLN B 9 26.03 2.89 0.81
CA GLN B 9 27.44 3.27 0.91
C GLN B 9 28.24 2.41 -0.05
N GLN B 10 28.98 3.02 -0.95
CA GLN B 10 29.87 2.26 -1.84
C GLN B 10 31.10 1.81 -1.04
N THR B 11 31.48 0.54 -1.19
CA THR B 11 32.70 0.04 -0.54
C THR B 11 33.89 -0.31 -1.45
N ARG B 12 33.67 -0.34 -2.76
CA ARG B 12 34.69 -0.86 -3.67
C ARG B 12 34.66 -0.13 -4.99
N GLY B 13 35.84 0.01 -5.60
CA GLY B 13 35.93 0.63 -6.90
C GLY B 13 36.10 -0.39 -8.01
N LEU B 14 36.29 0.11 -9.24
CA LEU B 14 36.39 -0.74 -10.42
C LEU B 14 37.55 -1.74 -10.31
N LEU B 15 38.76 -1.24 -10.07
CA LEU B 15 39.93 -2.09 -9.98
C LEU B 15 39.78 -3.11 -8.86
N GLY B 16 39.33 -2.64 -7.70
CA GLY B 16 39.21 -3.49 -6.53
C GLY B 16 38.21 -4.63 -6.74
N CYS B 17 37.12 -4.31 -7.41
CA CYS B 17 36.12 -5.32 -7.72
C CYS B 17 36.69 -6.42 -8.61
N ILE B 18 37.41 -6.03 -9.66
CA ILE B 18 38.05 -6.99 -10.55
C ILE B 18 39.04 -7.90 -9.81
N ILE B 19 40.00 -7.29 -9.11
CA ILE B 19 40.99 -8.07 -8.38
C ILE B 19 40.33 -9.03 -7.39
N THR B 20 39.33 -8.55 -6.67
CA THR B 20 38.68 -9.35 -5.64
C THR B 20 37.91 -10.51 -6.27
N SER B 21 37.44 -10.29 -7.50
CA SER B 21 36.75 -11.32 -8.24
C SER B 21 37.71 -12.45 -8.58
N LEU B 22 38.97 -12.11 -8.84
CA LEU B 22 39.95 -13.09 -9.26
C LEU B 22 40.53 -13.88 -8.09
N THR B 23 40.75 -13.19 -6.97
CA THR B 23 41.32 -13.83 -5.78
C THR B 23 40.28 -14.55 -4.93
N GLY B 24 39.06 -14.02 -4.90
CA GLY B 24 37.98 -14.62 -4.14
C GLY B 24 38.11 -14.27 -2.68
N ARG B 25 39.03 -13.33 -2.41
CA ARG B 25 39.43 -12.96 -1.07
C ARG B 25 38.96 -11.52 -0.80
N ASP B 26 37.98 -11.38 0.09
CA ASP B 26 37.45 -10.06 0.42
C ASP B 26 37.71 -9.74 1.89
N LYS B 27 38.60 -8.77 2.11
CA LYS B 27 39.03 -8.39 3.45
C LYS B 27 38.17 -7.28 4.05
N ASN B 28 37.24 -6.74 3.27
CA ASN B 28 36.43 -5.63 3.74
C ASN B 28 35.47 -6.01 4.87
N GLN B 29 35.17 -5.04 5.74
CA GLN B 29 34.18 -5.24 6.77
C GLN B 29 32.81 -5.20 6.10
N VAL B 30 31.95 -6.15 6.41
CA VAL B 30 30.61 -6.14 5.84
C VAL B 30 29.63 -5.51 6.82
N ASP B 31 28.68 -4.74 6.30
CA ASP B 31 27.63 -4.15 7.12
C ASP B 31 26.34 -4.00 6.32
N GLY B 32 25.23 -3.76 7.01
CA GLY B 32 23.97 -3.51 6.34
C GLY B 32 23.21 -4.78 6.04
N GLU B 33 21.91 -4.63 5.76
CA GLU B 33 21.01 -5.74 5.49
C GLU B 33 21.10 -6.23 4.06
N VAL B 34 21.44 -5.31 3.16
CA VAL B 34 21.40 -5.58 1.74
C VAL B 34 22.79 -5.32 1.20
N GLN B 35 23.32 -6.28 0.45
CA GLN B 35 24.62 -6.13 -0.16
C GLN B 35 24.46 -5.77 -1.63
N VAL B 36 25.29 -4.86 -2.12
CA VAL B 36 25.30 -4.60 -3.54
C VAL B 36 26.38 -5.51 -4.12
N LEU B 37 26.00 -6.33 -5.08
CA LEU B 37 26.90 -7.35 -5.61
C LEU B 37 27.30 -7.00 -7.03
N SER B 38 28.48 -7.43 -7.42
CA SER B 38 28.92 -7.25 -8.79
C SER B 38 29.68 -8.47 -9.31
N THR B 39 29.41 -8.86 -10.55
CA THR B 39 30.28 -9.81 -11.23
C THR B 39 31.10 -9.01 -12.20
N ALA B 40 31.87 -9.69 -13.05
CA ALA B 40 32.52 -8.98 -14.14
C ALA B 40 31.51 -8.14 -14.93
N THR B 41 30.45 -8.78 -15.41
CA THR B 41 29.49 -8.13 -16.31
C THR B 41 28.24 -7.45 -15.72
N GLN B 42 27.83 -7.79 -14.49
CA GLN B 42 26.52 -7.37 -14.01
C GLN B 42 26.53 -6.90 -12.57
N SER B 43 25.57 -6.04 -12.20
CA SER B 43 25.40 -5.67 -10.79
C SER B 43 23.97 -5.88 -10.33
N PHE B 44 23.81 -6.26 -9.06
CA PHE B 44 22.51 -6.64 -8.53
C PHE B 44 22.59 -6.67 -7.01
N LEU B 45 21.57 -7.20 -6.35
CA LEU B 45 21.53 -7.09 -4.89
C LEU B 45 21.43 -8.45 -4.20
N ALA B 46 21.76 -8.48 -2.90
CA ALA B 46 21.49 -9.63 -2.03
C ALA B 46 20.90 -9.16 -0.73
N THR B 47 19.99 -9.96 -0.18
CA THR B 47 19.37 -9.65 1.10
C THR B 47 19.74 -10.74 2.08
N CYS B 48 20.28 -10.36 3.22
CA CYS B 48 20.52 -11.35 4.25
C CYS B 48 19.28 -11.67 5.08
N VAL B 49 18.91 -12.95 5.07
CA VAL B 49 17.78 -13.47 5.85
C VAL B 49 18.23 -14.73 6.56
N ASN B 50 18.09 -14.72 7.88
CA ASN B 50 18.43 -15.86 8.73
C ASN B 50 19.75 -16.53 8.37
N GLY B 51 20.83 -15.78 8.47
CA GLY B 51 22.18 -16.28 8.31
C GLY B 51 22.60 -16.53 6.89
N VAL B 52 21.74 -16.21 5.93
CA VAL B 52 21.98 -16.48 4.51
C VAL B 52 21.87 -15.21 3.67
N CYS B 53 22.83 -14.99 2.78
CA CYS B 53 22.71 -13.89 1.83
C CYS B 53 22.11 -14.46 0.55
N TRP B 54 20.88 -14.04 0.26
CA TRP B 54 20.15 -14.56 -0.88
C TRP B 54 20.18 -13.60 -2.06
N THR B 55 20.30 -14.16 -3.26
CA THR B 55 20.19 -13.36 -4.46
C THR B 55 19.58 -14.19 -5.60
N VAL B 56 19.59 -13.65 -6.81
CA VAL B 56 18.99 -14.32 -7.95
C VAL B 56 20.05 -15.11 -8.71
N TYR B 57 19.66 -16.28 -9.18
CA TYR B 57 20.55 -17.09 -10.02
C TYR B 57 20.92 -16.37 -11.30
N HIS B 58 20.01 -15.56 -11.83
CA HIS B 58 20.26 -14.89 -13.10
C HIS B 58 21.32 -13.80 -12.95
N GLY B 59 21.57 -13.37 -11.72
CA GLY B 59 22.74 -12.56 -11.40
C GLY B 59 24.02 -13.31 -11.06
N ALA B 60 23.92 -14.20 -10.08
CA ALA B 60 25.08 -14.86 -9.49
C ALA B 60 25.54 -16.12 -10.22
N GLY B 61 24.64 -16.72 -11.00
CA GLY B 61 24.91 -18.03 -11.57
C GLY B 61 25.32 -18.99 -10.46
N SER B 62 26.31 -19.84 -10.76
CA SER B 62 26.83 -20.82 -9.80
C SER B 62 28.02 -20.30 -8.99
N LYS B 63 28.30 -19.00 -9.11
CA LYS B 63 29.50 -18.38 -8.54
C LYS B 63 29.65 -18.39 -7.02
N THR B 64 30.90 -18.45 -6.57
CA THR B 64 31.23 -18.24 -5.18
C THR B 64 31.11 -16.76 -4.85
N LEU B 65 31.02 -16.46 -3.57
CA LEU B 65 31.03 -15.09 -3.09
C LEU B 65 32.38 -14.80 -2.42
N ALA B 66 33.07 -13.75 -2.84
CA ALA B 66 34.37 -13.42 -2.23
C ALA B 66 34.21 -13.14 -0.73
N GLY B 67 35.11 -13.70 0.09
CA GLY B 67 34.94 -13.63 1.53
C GLY B 67 36.25 -13.52 2.31
N PRO B 68 36.16 -13.22 3.61
CA PRO B 68 37.35 -12.94 4.42
C PRO B 68 38.33 -14.12 4.46
N LYS B 69 37.79 -15.33 4.36
CA LYS B 69 38.58 -16.56 4.34
C LYS B 69 38.82 -17.17 2.95
N GLY B 70 38.49 -16.42 1.91
CA GLY B 70 38.48 -16.95 0.55
C GLY B 70 37.06 -17.10 0.02
N PRO B 71 36.92 -17.60 -1.23
CA PRO B 71 35.62 -17.77 -1.89
C PRO B 71 34.66 -18.66 -1.11
N ILE B 72 33.40 -18.23 -1.02
CA ILE B 72 32.38 -18.92 -0.22
C ILE B 72 31.49 -19.68 -1.18
N THR B 73 31.32 -20.98 -0.97
CA THR B 73 30.52 -21.80 -1.86
C THR B 73 29.04 -21.58 -1.56
N GLN B 74 28.19 -21.61 -2.58
CA GLN B 74 26.75 -21.46 -2.39
C GLN B 74 26.24 -22.59 -1.52
N MET B 75 25.43 -22.24 -0.52
CA MET B 75 24.81 -23.24 0.35
C MET B 75 23.46 -23.70 -0.20
N TYR B 76 22.90 -22.92 -1.11
CA TYR B 76 21.64 -23.28 -1.75
C TYR B 76 21.63 -22.80 -3.19
N THR B 77 21.28 -23.69 -4.12
CA THR B 77 21.26 -23.30 -5.52
C THR B 77 20.00 -23.86 -6.17
N ASN B 78 19.08 -22.99 -6.59
CA ASN B 78 17.90 -23.49 -7.27
C ASN B 78 17.66 -22.71 -8.53
N VAL B 79 17.99 -23.32 -9.64
CA VAL B 79 18.00 -22.61 -10.91
C VAL B 79 16.61 -22.15 -11.37
N ASP B 80 15.66 -23.07 -11.35
CA ASP B 80 14.31 -22.77 -11.85
C ASP B 80 13.57 -21.77 -10.96
N GLN B 81 13.93 -21.75 -9.69
CA GLN B 81 13.39 -20.80 -8.73
C GLN B 81 14.12 -19.45 -8.84
N ASP B 82 15.26 -19.45 -9.52
CA ASP B 82 16.10 -18.25 -9.67
C ASP B 82 16.61 -17.75 -8.33
N LEU B 83 16.96 -18.69 -7.46
CA LEU B 83 17.36 -18.38 -6.11
C LEU B 83 18.66 -19.07 -5.76
N VAL B 84 19.63 -18.28 -5.27
CA VAL B 84 20.82 -18.84 -4.69
C VAL B 84 21.11 -18.20 -3.34
N GLY B 85 21.88 -18.88 -2.51
CA GLY B 85 22.28 -18.28 -1.26
C GLY B 85 23.63 -18.79 -0.78
N TRP B 86 24.33 -17.92 -0.06
CA TRP B 86 25.64 -18.22 0.50
C TRP B 86 25.49 -18.00 2.01
N PRO B 87 26.26 -18.75 2.82
CA PRO B 87 26.26 -18.38 4.24
C PRO B 87 26.69 -16.93 4.35
N ALA B 88 25.97 -16.13 5.14
CA ALA B 88 26.22 -14.70 5.18
C ALA B 88 27.59 -14.42 5.77
N PRO B 89 28.34 -13.47 5.18
CA PRO B 89 29.61 -13.04 5.79
C PRO B 89 29.35 -12.41 7.15
N PRO B 90 30.33 -12.49 8.06
CA PRO B 90 30.17 -12.27 9.50
C PRO B 90 29.33 -11.05 9.94
N GLY B 91 29.54 -9.89 9.30
CA GLY B 91 28.98 -8.66 9.82
C GLY B 91 27.71 -8.14 9.17
N ALA B 92 27.19 -8.87 8.18
CA ALA B 92 25.96 -8.46 7.53
C ALA B 92 24.81 -8.46 8.54
N ARG B 93 23.87 -7.54 8.35
CA ARG B 93 22.69 -7.49 9.21
C ARG B 93 21.61 -8.44 8.67
N SER B 94 21.22 -9.42 9.47
CA SER B 94 20.26 -10.42 9.04
C SER B 94 18.83 -10.00 9.34
N MET B 95 17.95 -10.11 8.35
CA MET B 95 16.59 -9.63 8.47
C MET B 95 15.63 -10.73 8.94
N THR B 96 14.61 -10.33 9.70
CA THR B 96 13.58 -11.24 10.16
C THR B 96 12.49 -11.37 9.12
N PRO B 97 12.06 -12.60 8.83
CA PRO B 97 10.97 -12.78 7.88
C PRO B 97 9.70 -12.06 8.34
N CYS B 98 8.91 -11.58 7.38
CA CYS B 98 7.64 -10.92 7.69
C CYS B 98 6.56 -11.98 7.63
N THR B 99 5.94 -12.24 8.77
CA THR B 99 4.69 -12.98 8.77
C THR B 99 3.68 -12.40 9.75
N CYS B 100 2.56 -11.87 9.25
CA CYS B 100 2.39 -11.56 7.84
C CYS B 100 1.11 -10.74 7.66
N GLY B 101 0.72 -10.54 6.40
CA GLY B 101 -0.63 -10.11 6.10
C GLY B 101 -0.77 -8.68 5.63
N SER B 102 0.26 -7.87 5.82
CA SER B 102 0.22 -6.49 5.37
C SER B 102 0.37 -6.53 3.86
N SER B 103 -0.63 -6.06 3.14
CA SER B 103 -0.63 -6.21 1.69
C SER B 103 0.13 -5.10 1.00
N ASP B 104 0.39 -4.01 1.73
CA ASP B 104 1.23 -2.96 1.18
C ASP B 104 2.68 -3.24 1.56
N LEU B 105 3.53 -3.41 0.56
CA LEU B 105 4.94 -3.74 0.79
C LEU B 105 5.81 -2.62 0.29
N TYR B 106 7.12 -2.75 0.53
CA TYR B 106 8.06 -1.72 0.12
C TYR B 106 9.29 -2.35 -0.47
N LEU B 107 9.58 -2.00 -1.72
CA LEU B 107 10.71 -2.53 -2.46
C LEU B 107 11.88 -1.58 -2.27
N VAL B 108 13.01 -2.09 -1.82
CA VAL B 108 14.22 -1.27 -1.71
C VAL B 108 15.11 -1.50 -2.93
N THR B 109 15.44 -0.43 -3.66
CA THR B 109 16.26 -0.57 -4.85
C THR B 109 17.74 -0.35 -4.57
N ARG B 110 18.58 -0.58 -5.58
CA ARG B 110 20.03 -0.45 -5.42
C ARG B 110 20.43 1.00 -5.21
N HIS B 111 19.49 1.89 -5.50
CA HIS B 111 19.72 3.33 -5.36
C HIS B 111 19.22 3.76 -3.99
N ALA B 112 18.80 2.75 -3.22
CA ALA B 112 18.28 2.93 -1.88
C ALA B 112 16.98 3.72 -1.89
N ASP B 113 16.25 3.66 -2.99
CA ASP B 113 14.90 4.19 -3.05
C ASP B 113 13.89 3.17 -2.53
N VAL B 114 12.82 3.65 -1.89
CA VAL B 114 11.82 2.75 -1.33
C VAL B 114 10.49 2.91 -2.06
N ILE B 115 10.06 1.87 -2.76
CA ILE B 115 8.91 1.93 -3.67
C ILE B 115 7.70 1.14 -3.13
N PRO B 116 6.53 1.79 -3.01
CA PRO B 116 5.36 1.07 -2.51
C PRO B 116 4.88 0.03 -3.50
N VAL B 117 4.56 -1.16 -3.00
CA VAL B 117 4.08 -2.23 -3.83
C VAL B 117 2.86 -2.85 -3.16
N ARG B 118 1.85 -3.17 -3.96
CA ARG B 118 0.66 -3.85 -3.47
C ARG B 118 0.77 -5.34 -3.75
N ARG B 119 0.77 -6.16 -2.72
CA ARG B 119 0.87 -7.60 -2.94
C ARG B 119 -0.38 -8.11 -3.64
N ARG B 120 -0.17 -8.83 -4.74
CA ARG B 120 -1.30 -9.40 -5.50
C ARG B 120 -1.52 -10.89 -5.29
N GLY B 121 -0.61 -11.51 -4.55
CA GLY B 121 -0.64 -12.95 -4.32
C GLY B 121 0.69 -13.38 -3.73
N ASP B 122 0.89 -14.69 -3.63
CA ASP B 122 2.10 -15.21 -2.99
C ASP B 122 3.38 -14.58 -3.53
N SER B 123 3.56 -14.67 -4.83
CA SER B 123 4.81 -14.24 -5.48
C SER B 123 4.78 -12.89 -6.22
N ARG B 124 3.68 -12.15 -6.16
CA ARG B 124 3.47 -11.03 -7.08
C ARG B 124 3.06 -9.73 -6.40
N GLY B 125 3.42 -8.60 -7.02
CA GLY B 125 3.04 -7.31 -6.46
C GLY B 125 2.91 -6.23 -7.53
N SER B 126 2.06 -5.25 -7.28
CA SER B 126 1.78 -4.22 -8.27
C SER B 126 2.45 -2.97 -7.77
N LEU B 127 3.11 -2.21 -8.65
CA LEU B 127 3.65 -0.92 -8.23
C LEU B 127 2.50 0.06 -8.01
N LEU B 128 2.46 0.68 -6.84
CA LEU B 128 1.39 1.61 -6.51
C LEU B 128 1.53 2.90 -7.32
N SER B 129 2.75 3.37 -7.46
CA SER B 129 3.05 4.44 -8.42
C SER B 129 4.04 3.94 -9.46
N PRO B 130 3.63 3.92 -10.74
CA PRO B 130 4.52 3.43 -11.79
C PRO B 130 5.87 4.16 -11.81
N ARG B 131 6.91 3.45 -12.24
CA ARG B 131 8.24 4.03 -12.38
C ARG B 131 8.87 3.42 -13.62
N PRO B 132 9.84 4.13 -14.24
CA PRO B 132 10.47 3.55 -15.42
C PRO B 132 11.15 2.23 -15.08
N VAL B 133 11.22 1.31 -16.02
CA VAL B 133 11.85 0.03 -15.75
C VAL B 133 13.34 0.24 -15.49
N SER B 134 13.89 1.33 -16.04
CA SER B 134 15.28 1.71 -15.79
C SER B 134 15.54 1.98 -14.32
N TYR B 135 14.52 2.45 -13.59
CA TYR B 135 14.66 2.69 -12.16
C TYR B 135 14.86 1.37 -11.41
N LEU B 136 14.26 0.29 -11.92
CA LEU B 136 14.34 -1.01 -11.24
C LEU B 136 15.54 -1.88 -11.61
N LYS B 137 16.15 -1.59 -12.76
CA LYS B 137 17.20 -2.46 -13.31
C LYS B 137 18.42 -2.54 -12.38
N GLY B 138 18.91 -3.76 -12.12
CA GLY B 138 20.01 -3.95 -11.19
C GLY B 138 19.60 -4.04 -9.71
N SER B 139 18.29 -4.10 -9.47
CA SER B 139 17.78 -4.33 -8.12
C SER B 139 17.30 -5.76 -7.80
N SER B 140 17.42 -6.68 -8.75
CA SER B 140 17.08 -8.07 -8.44
C SER B 140 17.84 -8.51 -7.18
N GLY B 141 17.21 -9.33 -6.35
CA GLY B 141 17.81 -9.72 -5.08
C GLY B 141 17.54 -8.75 -3.95
N GLY B 142 16.95 -7.60 -4.29
CA GLY B 142 16.62 -6.57 -3.31
C GLY B 142 15.37 -6.98 -2.55
N PRO B 143 15.24 -6.54 -1.29
CA PRO B 143 14.16 -7.02 -0.43
C PRO B 143 12.81 -6.35 -0.67
N LEU B 144 11.72 -7.09 -0.45
CA LEU B 144 10.40 -6.51 -0.31
C LEU B 144 10.06 -6.58 1.16
N LEU B 145 9.74 -5.44 1.76
CA LEU B 145 9.51 -5.37 3.19
C LEU B 145 8.05 -5.07 3.47
N CYS B 146 7.54 -5.62 4.57
CA CYS B 146 6.29 -5.13 5.13
C CYS B 146 6.60 -3.88 5.98
N PRO B 147 5.57 -3.10 6.34
CA PRO B 147 5.78 -1.84 7.06
C PRO B 147 6.73 -1.97 8.24
N SER B 148 6.69 -3.11 8.92
CA SER B 148 7.51 -3.32 10.11
C SER B 148 9.00 -3.38 9.80
N GLY B 149 9.34 -3.58 8.53
CA GLY B 149 10.73 -3.72 8.13
C GLY B 149 11.18 -5.17 8.03
N HIS B 150 10.29 -6.11 8.36
CA HIS B 150 10.57 -7.53 8.19
C HIS B 150 10.46 -7.90 6.70
N VAL B 151 11.15 -8.95 6.28
CA VAL B 151 11.23 -9.26 4.84
C VAL B 151 10.20 -10.26 4.34
N VAL B 152 9.49 -9.86 3.30
CA VAL B 152 8.54 -10.73 2.59
C VAL B 152 9.19 -11.63 1.56
N GLY B 153 10.22 -11.13 0.87
CA GLY B 153 10.85 -11.87 -0.20
C GLY B 153 11.87 -11.01 -0.95
N ILE B 154 12.41 -11.52 -2.05
CA ILE B 154 13.35 -10.74 -2.84
C ILE B 154 12.92 -10.55 -4.29
N PHE B 155 13.23 -9.37 -4.81
CA PHE B 155 12.87 -8.94 -6.16
C PHE B 155 13.48 -9.87 -7.20
N LYS B 156 12.64 -10.41 -8.08
CA LYS B 156 13.10 -11.36 -9.09
C LYS B 156 12.97 -10.83 -10.52
N ALA B 157 11.75 -10.45 -10.90
CA ALA B 157 11.48 -9.99 -12.24
C ALA B 157 10.46 -8.85 -12.23
N ALA B 158 10.46 -8.06 -13.29
CA ALA B 158 9.53 -6.94 -13.41
C ALA B 158 8.62 -7.12 -14.62
N VAL B 159 7.40 -6.63 -14.50
CA VAL B 159 6.48 -6.59 -15.62
C VAL B 159 6.43 -5.15 -16.09
N CYS B 160 6.77 -4.94 -17.36
CA CYS B 160 6.90 -3.59 -17.89
C CYS B 160 6.37 -3.45 -19.32
N THR B 161 5.51 -2.48 -19.53
CA THR B 161 5.00 -2.20 -20.86
C THR B 161 5.42 -0.80 -21.28
N ARG B 162 6.08 -0.72 -22.43
CA ARG B 162 6.56 0.55 -22.96
C ARG B 162 7.47 1.25 -21.98
N GLY B 163 8.37 0.48 -21.37
CA GLY B 163 9.42 1.04 -20.54
C GLY B 163 8.98 1.45 -19.15
N VAL B 164 7.70 1.26 -18.85
CA VAL B 164 7.18 1.54 -17.52
C VAL B 164 6.90 0.23 -16.77
N ALA B 165 7.37 0.14 -15.54
CA ALA B 165 7.18 -1.06 -14.72
C ALA B 165 5.86 -1.00 -13.97
N LYS B 166 4.96 -1.93 -14.24
CA LYS B 166 3.68 -1.93 -13.53
C LYS B 166 3.56 -2.92 -12.37
N ALA B 167 4.43 -3.93 -12.34
CA ALA B 167 4.33 -4.99 -11.33
C ALA B 167 5.65 -5.75 -11.20
N VAL B 168 5.82 -6.46 -10.09
CA VAL B 168 7.05 -7.21 -9.86
C VAL B 168 6.75 -8.63 -9.37
N ASP B 169 7.57 -9.58 -9.79
CA ASP B 169 7.57 -10.92 -9.25
C ASP B 169 8.66 -11.01 -8.20
N PHE B 170 8.36 -11.62 -7.06
CA PHE B 170 9.40 -11.85 -6.06
C PHE B 170 9.48 -13.31 -5.60
N ILE B 171 10.57 -13.65 -4.94
CA ILE B 171 10.76 -14.96 -4.36
C ILE B 171 10.46 -14.85 -2.87
N PRO B 172 9.34 -15.45 -2.44
CA PRO B 172 8.87 -15.28 -1.06
C PRO B 172 9.78 -15.96 -0.05
N VAL B 173 9.86 -15.44 1.16
CA VAL B 173 10.69 -16.03 2.21
C VAL B 173 10.34 -17.51 2.41
N GLU B 174 9.08 -17.87 2.18
CA GLU B 174 8.66 -19.26 2.26
C GLU B 174 9.47 -20.12 1.28
N SER B 175 9.71 -19.57 0.10
CA SER B 175 10.43 -20.27 -0.95
C SER B 175 11.89 -20.51 -0.60
N MET B 176 12.44 -19.66 0.25
CA MET B 176 13.81 -19.86 0.73
C MET B 176 13.80 -21.01 1.71
N GLU B 177 12.74 -21.05 2.52
CA GLU B 177 12.56 -22.07 3.54
C GLU B 177 12.33 -23.45 2.92
N THR B 178 11.56 -23.50 1.82
CA THR B 178 11.36 -24.76 1.13
C THR B 178 12.70 -25.26 0.57
N THR B 179 13.56 -24.33 0.16
CA THR B 179 14.90 -24.69 -0.31
C THR B 179 15.79 -25.14 0.85
N MET B 180 15.62 -24.50 2.01
CA MET B 180 16.41 -24.86 3.18
C MET B 180 15.93 -26.19 3.80
N ARG B 181 14.66 -26.51 3.62
CA ARG B 181 14.11 -27.76 4.14
C ARG B 181 14.38 -28.94 3.22
N ALA B 182 14.67 -28.65 1.95
CA ALA B 182 14.95 -29.70 0.97
C ALA B 182 16.43 -30.08 0.97
N SER B 183 17.23 -29.33 1.72
CA SER B 183 18.67 -29.57 1.80
C SER B 183 19.00 -30.85 2.56
N LYS C 2 -36.34 13.27 13.06
CA LYS C 2 -36.87 14.06 11.96
C LYS C 2 -36.07 15.33 11.72
N GLY C 3 -34.89 15.39 12.33
CA GLY C 3 -34.04 16.55 12.17
C GLY C 3 -33.14 16.43 10.96
N SER C 4 -32.23 17.37 10.83
CA SER C 4 -31.24 17.35 9.77
C SER C 4 -30.08 16.43 10.16
N VAL C 5 -29.41 15.92 9.15
CA VAL C 5 -28.10 15.30 9.34
C VAL C 5 -27.13 16.43 9.67
N VAL C 6 -26.19 16.14 10.56
CA VAL C 6 -25.24 17.14 11.05
C VAL C 6 -23.79 16.71 10.82
N ILE C 7 -22.93 17.63 10.36
CA ILE C 7 -21.52 17.34 10.26
C ILE C 7 -20.94 17.51 11.66
N VAL C 8 -20.46 16.40 12.22
CA VAL C 8 -19.83 16.39 13.54
C VAL C 8 -18.30 16.26 13.52
N GLY C 9 -17.71 16.11 12.34
CA GLY C 9 -16.27 15.98 12.22
C GLY C 9 -15.84 15.84 10.77
N ARG C 10 -14.55 15.69 10.53
CA ARG C 10 -14.10 15.50 9.17
C ARG C 10 -12.81 14.69 9.16
N ILE C 11 -12.50 14.18 7.98
CA ILE C 11 -11.27 13.43 7.78
C ILE C 11 -10.53 14.10 6.62
N ILE C 12 -9.25 14.35 6.84
CA ILE C 12 -8.42 15.06 5.90
C ILE C 12 -7.48 14.05 5.31
N LEU C 13 -7.44 13.98 3.99
CA LEU C 13 -6.63 12.99 3.28
C LEU C 13 -5.28 13.57 2.85
N SER C 14 -4.25 12.74 2.87
CA SER C 14 -2.93 13.16 2.40
C SER C 14 -2.40 12.16 1.38
N LYS D 2 36.09 -18.11 -14.02
CA LYS D 2 35.23 -18.38 -12.88
C LYS D 2 35.43 -17.40 -11.75
N GLY D 3 35.33 -16.10 -12.05
CA GLY D 3 35.47 -15.08 -11.05
C GLY D 3 34.42 -15.20 -9.95
N SER D 4 34.73 -14.67 -8.77
CA SER D 4 33.76 -14.62 -7.67
C SER D 4 32.81 -13.43 -7.81
N VAL D 5 31.63 -13.56 -7.21
CA VAL D 5 30.76 -12.40 -7.00
C VAL D 5 31.37 -11.57 -5.88
N VAL D 6 31.33 -10.25 -6.04
CA VAL D 6 31.99 -9.37 -5.06
C VAL D 6 31.02 -8.32 -4.51
N ILE D 7 31.03 -8.11 -3.19
CA ILE D 7 30.22 -7.08 -2.56
C ILE D 7 30.94 -5.76 -2.81
N VAL D 8 30.30 -4.86 -3.55
CA VAL D 8 30.85 -3.55 -3.88
C VAL D 8 30.21 -2.37 -3.10
N GLY D 9 29.22 -2.66 -2.27
CA GLY D 9 28.58 -1.62 -1.48
C GLY D 9 27.49 -2.24 -0.64
N ARG D 10 26.76 -1.42 0.09
CA ARG D 10 25.69 -1.95 0.94
C ARG D 10 24.59 -0.93 1.07
N ILE D 11 23.42 -1.41 1.46
CA ILE D 11 22.29 -0.53 1.70
C ILE D 11 21.89 -0.75 3.15
N ILE D 12 21.76 0.35 3.89
CA ILE D 12 21.42 0.30 5.31
C ILE D 12 19.97 0.73 5.51
N LEU D 13 19.19 -0.12 6.17
CA LEU D 13 17.75 0.12 6.36
C LEU D 13 17.42 0.72 7.73
N SER D 14 16.49 1.67 7.74
CA SER D 14 16.04 2.30 8.98
C SER D 14 14.52 2.16 9.16
#